data_9L4I
#
_entry.id   9L4I
#
_cell.length_a   83.950
_cell.length_b   160.150
_cell.length_c   177.610
_cell.angle_alpha   90.000
_cell.angle_beta   90.000
_cell.angle_gamma   90.000
#
_symmetry.space_group_name_H-M   'I 2 2 2'
#
loop_
_entity.id
_entity.type
_entity.pdbx_description
1 polymer 'MHC class I antigen'
2 polymer Beta-2-microglobulin
3 polymer LL8
4 polymer 'Killer cell immunoglobulin-like receptor 2DL2'
5 water water
#
loop_
_entity_poly.entity_id
_entity_poly.type
_entity_poly.pdbx_seq_one_letter_code
_entity_poly.pdbx_strand_id
1 'polypeptide(L)'
;SHSMRYFSTSVSRPGRGEPRFIAVGYVDDTQFVRFDSDAASPRGEPRAPWVEQEGPEYWDRETQKYKRQAQTDRVSLRNL
RGYYNQSEAGSHTLQWMFGCDLGPDGRLLRGYDQSAYDGKDYIALNEDLRSWTAADTAAQITQRKWEAAREAEQRRAYLE
GTCVEWLRRYLENGKETLQRAEHPKTHVTHHPVSDHEATLRCWALGFYPAEITLTWQWDGEDQTQDTELVETRPAGDGTF
QKWAAVVVPSGEEQRYTCHVQHEGLPEPLTLRW
;
A
2 'polypeptide(L)'
;MIQRTPKIQVYSRHPAENGKSNFLNCYVSGFHPSDIEVDLLKNGERIEKVEHSDLSFSKDWSFYLLYYTEFTPTEKDEYA
CRVNHVTLSQPKIVKWDRDM
;
B
3 'polypeptide(L)' LYNTVATL C
4 'polypeptide(L)'
;HRKPSLLAHPGRLVKSEETVILQCWSDVRFEHFLLHREGKFKDTLHLIGEHHDGVSKANFSIGPMMQDLAGTYRCYGSVT
HSPYQLSAPSDPLDIVITGLYEKPSLSAQPGPTVLAGESVTLSCSSRSSYDMYHLSLEGEAHECRFSAGPKVNGTFQADF
PLGPATHGGTYRCFGSFRDSPYEWSNSSDPLLVSVI
;
D
#
# COMPACT_ATOMS: atom_id res chain seq x y z
N SER A 1 -11.38 -18.82 -14.99
CA SER A 1 -11.48 -17.37 -14.84
C SER A 1 -10.95 -16.94 -13.48
N HIS A 2 -9.83 -17.52 -13.07
CA HIS A 2 -9.28 -17.27 -11.74
C HIS A 2 -8.44 -16.00 -11.73
N SER A 3 -8.19 -15.50 -10.52
CA SER A 3 -7.47 -14.25 -10.35
C SER A 3 -6.79 -14.23 -8.99
N MET A 4 -5.75 -13.41 -8.90
CA MET A 4 -5.03 -13.16 -7.65
C MET A 4 -5.00 -11.65 -7.42
N ARG A 5 -5.31 -11.22 -6.19
CA ARG A 5 -5.44 -9.81 -5.89
C ARG A 5 -4.76 -9.48 -4.57
N TYR A 6 -4.16 -8.28 -4.50
CA TYR A 6 -3.49 -7.78 -3.31
C TYR A 6 -4.02 -6.40 -2.98
N PHE A 7 -4.23 -6.14 -1.69
CA PHE A 7 -4.74 -4.86 -1.20
C PHE A 7 -3.87 -4.39 -0.06
N SER A 8 -3.31 -3.18 -0.18
CA SER A 8 -2.43 -2.61 0.84
C SER A 8 -2.95 -1.23 1.24
N THR A 9 -2.89 -0.95 2.54
CA THR A 9 -3.38 0.31 3.08
C THR A 9 -2.40 0.86 4.10
N SER A 10 -2.06 2.14 3.97
CA SER A 10 -1.20 2.85 4.92
C SER A 10 -1.94 4.08 5.42
N VAL A 11 -1.98 4.25 6.74
CA VAL A 11 -2.68 5.36 7.38
C VAL A 11 -1.71 6.05 8.32
N SER A 12 -1.60 7.37 8.19
CA SER A 12 -0.67 8.16 8.99
C SER A 12 -1.33 8.69 10.26
N ARG A 13 -0.55 8.73 11.34
CA ARG A 13 -1.02 9.20 12.64
C ARG A 13 0.03 10.14 13.21
N PRO A 14 -0.03 11.43 12.88
CA PRO A 14 1.00 12.36 13.34
C PRO A 14 0.98 12.50 14.86
N GLY A 15 2.10 12.18 15.49
CA GLY A 15 2.21 12.23 16.93
C GLY A 15 2.24 10.86 17.58
N ARG A 16 1.33 9.98 17.18
CA ARG A 16 1.24 8.66 17.79
C ARG A 16 2.13 7.66 17.07
N GLY A 17 3.23 8.14 16.51
CA GLY A 17 4.21 7.28 15.88
C GLY A 17 4.15 7.30 14.37
N GLU A 18 4.77 6.27 13.78
CA GLU A 18 4.91 6.11 12.34
C GLU A 18 3.70 5.37 11.76
N PRO A 19 3.46 5.47 10.46
CA PRO A 19 2.16 5.05 9.92
C PRO A 19 1.88 3.56 10.08
N ARG A 20 0.59 3.24 10.05
CA ARG A 20 0.11 1.87 10.15
C ARG A 20 -0.05 1.25 8.76
N PHE A 21 0.47 0.04 8.58
CA PHE A 21 0.47 -0.63 7.30
C PHE A 21 -0.16 -2.01 7.43
N ILE A 22 -1.13 -2.32 6.58
CA ILE A 22 -1.79 -3.61 6.55
C ILE A 22 -1.96 -4.05 5.09
N ALA A 23 -1.69 -5.32 4.82
CA ALA A 23 -1.81 -5.88 3.49
C ALA A 23 -2.43 -7.28 3.56
N VAL A 24 -3.26 -7.59 2.56
CA VAL A 24 -3.92 -8.90 2.46
C VAL A 24 -3.88 -9.37 1.02
N GLY A 25 -3.99 -10.68 0.84
CA GLY A 25 -3.96 -11.28 -0.48
C GLY A 25 -5.06 -12.29 -0.65
N TYR A 26 -5.59 -12.36 -1.87
CA TYR A 26 -6.71 -13.23 -2.20
C TYR A 26 -6.39 -14.06 -3.43
N VAL A 27 -6.97 -15.25 -3.49
CA VAL A 27 -7.11 -16.01 -4.72
C VAL A 27 -8.60 -16.22 -4.92
N ASP A 28 -9.14 -15.62 -5.97
CA ASP A 28 -10.59 -15.58 -6.17
C ASP A 28 -11.27 -14.98 -4.95
N ASP A 29 -12.11 -15.75 -4.28
CA ASP A 29 -12.80 -15.24 -3.10
C ASP A 29 -12.21 -15.78 -1.80
N THR A 30 -10.93 -16.19 -1.80
CA THR A 30 -10.33 -16.83 -0.65
C THR A 30 -9.08 -16.07 -0.21
N GLN A 31 -9.08 -15.56 1.02
CA GLN A 31 -7.89 -14.94 1.58
C GLN A 31 -6.86 -16.00 1.92
N PHE A 32 -5.58 -15.66 1.76
CA PHE A 32 -4.52 -16.61 2.05
C PHE A 32 -3.29 -16.02 2.73
N VAL A 33 -3.26 -14.71 3.02
CA VAL A 33 -2.08 -14.10 3.61
C VAL A 33 -2.48 -12.75 4.21
N ARG A 34 -1.74 -12.32 5.22
CA ARG A 34 -1.96 -11.02 5.85
C ARG A 34 -0.67 -10.53 6.46
N PHE A 35 -0.58 -9.22 6.66
CA PHE A 35 0.54 -8.60 7.35
C PHE A 35 0.06 -7.34 8.03
N ASP A 36 0.41 -7.17 9.30
CA ASP A 36 0.05 -5.99 10.07
C ASP A 36 1.29 -5.47 10.77
N SER A 37 1.55 -4.17 10.60
CA SER A 37 2.73 -3.55 11.20
C SER A 37 2.58 -3.30 12.70
N ASP A 38 1.37 -3.35 13.23
CA ASP A 38 1.14 -3.12 14.65
C ASP A 38 1.20 -4.40 15.47
N ALA A 39 1.45 -5.55 14.84
CA ALA A 39 1.58 -6.79 15.59
C ALA A 39 2.88 -6.80 16.38
N ALA A 40 2.93 -7.66 17.40
CA ALA A 40 4.10 -7.77 18.26
C ALA A 40 5.35 -8.11 17.43
N SER A 41 5.33 -9.27 16.79
CA SER A 41 6.37 -9.65 15.84
C SER A 41 5.79 -9.60 14.44
N PRO A 42 5.99 -8.51 13.69
CA PRO A 42 5.34 -8.38 12.38
C PRO A 42 5.95 -9.34 11.37
N ARG A 43 5.09 -10.15 10.75
CA ARG A 43 5.53 -11.10 9.73
C ARG A 43 4.32 -11.52 8.92
N GLY A 44 4.59 -12.09 7.74
CA GLY A 44 3.52 -12.59 6.90
C GLY A 44 2.94 -13.87 7.50
N GLU A 45 1.60 -13.92 7.58
CA GLU A 45 0.92 -15.04 8.21
C GLU A 45 -0.01 -15.72 7.21
N PRO A 46 0.03 -17.04 7.10
CA PRO A 46 -0.89 -17.73 6.20
C PRO A 46 -2.32 -17.67 6.72
N ARG A 47 -3.27 -17.69 5.78
CA ARG A 47 -4.69 -17.71 6.12
C ARG A 47 -5.45 -18.79 5.37
N ALA A 48 -4.77 -19.61 4.58
CA ALA A 48 -5.34 -20.75 3.87
C ALA A 48 -4.37 -21.91 3.98
N PRO A 49 -4.87 -23.14 3.99
CA PRO A 49 -3.96 -24.28 4.22
C PRO A 49 -2.95 -24.51 3.12
N TRP A 50 -3.26 -24.15 1.87
CA TRP A 50 -2.40 -24.51 0.75
C TRP A 50 -1.18 -23.60 0.61
N VAL A 51 -0.95 -22.67 1.54
CA VAL A 51 0.32 -21.95 1.63
C VAL A 51 1.04 -22.21 2.94
N GLU A 52 0.51 -23.09 3.79
CA GLU A 52 1.11 -23.37 5.09
C GLU A 52 2.36 -24.23 4.98
N GLN A 53 2.58 -24.90 3.85
CA GLN A 53 3.68 -25.83 3.69
C GLN A 53 4.72 -25.35 2.68
N GLU A 54 4.94 -24.03 2.61
CA GLU A 54 5.85 -23.47 1.61
C GLU A 54 7.29 -23.35 2.09
N GLY A 55 7.54 -23.49 3.40
CA GLY A 55 8.89 -23.47 3.90
C GLY A 55 9.28 -22.10 4.45
N PRO A 56 10.21 -22.10 5.41
CA PRO A 56 10.57 -20.83 6.06
C PRO A 56 11.29 -19.86 5.14
N GLU A 57 11.98 -20.35 4.10
CA GLU A 57 12.61 -19.45 3.14
C GLU A 57 11.56 -18.61 2.42
N TYR A 58 10.47 -19.25 1.98
CA TYR A 58 9.39 -18.55 1.31
C TYR A 58 8.79 -17.47 2.21
N TRP A 59 8.45 -17.84 3.44
CA TRP A 59 7.77 -16.90 4.34
C TRP A 59 8.69 -15.82 4.88
N ASP A 60 10.00 -16.06 4.89
CA ASP A 60 10.93 -15.00 5.30
C ASP A 60 11.10 -13.98 4.18
N ARG A 61 11.12 -14.43 2.93
CA ARG A 61 11.22 -13.50 1.81
C ARG A 61 9.98 -12.63 1.69
N GLU A 62 8.80 -13.23 1.91
CA GLU A 62 7.56 -12.45 1.90
C GLU A 62 7.58 -11.40 3.00
N THR A 63 8.04 -11.78 4.20
CA THR A 63 8.07 -10.86 5.32
C THR A 63 8.97 -9.66 5.04
N GLN A 64 10.13 -9.91 4.41
CA GLN A 64 11.04 -8.81 4.10
C GLN A 64 10.44 -7.86 3.07
N LYS A 65 9.64 -8.37 2.13
CA LYS A 65 9.03 -7.51 1.13
C LYS A 65 7.93 -6.64 1.73
N TYR A 66 7.18 -7.19 2.69
CA TYR A 66 6.15 -6.41 3.37
C TYR A 66 6.75 -5.26 4.15
N LYS A 67 7.82 -5.54 4.91
CA LYS A 67 8.45 -4.50 5.71
C LYS A 67 9.05 -3.41 4.82
N ARG A 68 9.56 -3.79 3.65
CA ARG A 68 10.10 -2.81 2.71
C ARG A 68 9.00 -1.89 2.19
N GLN A 69 7.82 -2.44 1.90
CA GLN A 69 6.74 -1.64 1.34
C GLN A 69 6.18 -0.66 2.37
N ALA A 70 6.11 -1.07 3.63
CA ALA A 70 5.66 -0.16 4.67
C ALA A 70 6.61 1.02 4.83
N GLN A 71 7.91 0.78 4.67
CA GLN A 71 8.88 1.87 4.70
C GLN A 71 8.75 2.75 3.47
N THR A 72 8.44 2.16 2.32
CA THR A 72 8.24 2.94 1.10
C THR A 72 7.00 3.83 1.21
N ASP A 73 5.92 3.29 1.77
CA ASP A 73 4.70 4.08 1.93
C ASP A 73 4.93 5.29 2.82
N ARG A 74 5.75 5.11 3.87
CA ARG A 74 6.02 6.21 4.80
C ARG A 74 6.67 7.39 4.10
N VAL A 75 7.58 7.11 3.16
CA VAL A 75 8.18 8.19 2.37
C VAL A 75 7.15 8.79 1.42
N SER A 76 6.34 7.95 0.78
CA SER A 76 5.35 8.45 -0.17
C SER A 76 4.33 9.36 0.51
N LEU A 77 3.90 9.00 1.73
CA LEU A 77 2.95 9.84 2.45
C LEU A 77 3.52 11.21 2.75
N ARG A 78 4.83 11.28 3.04
CA ARG A 78 5.46 12.57 3.27
C ARG A 78 5.58 13.36 1.98
N ASN A 79 5.86 12.68 0.86
CA ASN A 79 5.97 13.36 -0.42
C ASN A 79 4.62 13.92 -0.87
N LEU A 80 3.55 13.13 -0.71
CA LEU A 80 2.22 13.58 -1.13
C LEU A 80 1.79 14.80 -0.34
N ARG A 81 2.10 14.84 0.96
CA ARG A 81 1.78 16.00 1.78
C ARG A 81 2.43 17.27 1.24
N GLY A 82 3.60 17.14 0.61
CA GLY A 82 4.26 18.27 0.01
C GLY A 82 3.68 18.67 -1.34
N TYR A 83 3.32 17.67 -2.16
CA TYR A 83 2.70 17.96 -3.44
C TYR A 83 1.43 18.78 -3.27
N TYR A 84 0.65 18.48 -2.24
CA TYR A 84 -0.65 19.10 -2.04
C TYR A 84 -0.63 20.25 -1.04
N ASN A 85 0.56 20.64 -0.56
CA ASN A 85 0.69 21.74 0.39
C ASN A 85 -0.23 21.57 1.60
N GLN A 86 -0.14 20.40 2.23
CA GLN A 86 -0.96 20.08 3.39
C GLN A 86 -0.15 20.23 4.67
N SER A 87 -0.85 20.44 5.78
CA SER A 87 -0.19 20.57 7.06
C SER A 87 0.31 19.20 7.53
N GLU A 88 1.21 19.23 8.51
CA GLU A 88 1.80 18.01 9.05
C GLU A 88 0.99 17.41 10.20
N ALA A 89 -0.20 17.95 10.48
CA ALA A 89 -0.99 17.52 11.63
C ALA A 89 -2.10 16.55 11.29
N GLY A 90 -2.64 16.60 10.07
CA GLY A 90 -3.78 15.77 9.72
C GLY A 90 -3.40 14.36 9.35
N SER A 91 -4.41 13.48 9.38
CA SER A 91 -4.25 12.09 9.00
C SER A 91 -4.61 11.91 7.53
N HIS A 92 -3.90 11.00 6.86
CA HIS A 92 -4.09 10.77 5.43
C HIS A 92 -3.92 9.30 5.13
N THR A 93 -4.55 8.86 4.03
CA THR A 93 -4.63 7.46 3.66
C THR A 93 -4.06 7.25 2.26
N LEU A 94 -3.35 6.14 2.08
CA LEU A 94 -2.77 5.75 0.80
C LEU A 94 -3.05 4.27 0.57
N GLN A 95 -3.69 3.96 -0.55
CA GLN A 95 -4.09 2.60 -0.89
C GLN A 95 -3.44 2.16 -2.20
N TRP A 96 -3.17 0.86 -2.29
CA TRP A 96 -2.53 0.27 -3.47
C TRP A 96 -3.14 -1.08 -3.75
N MET A 97 -3.46 -1.34 -5.02
CA MET A 97 -4.08 -2.58 -5.45
C MET A 97 -3.47 -3.06 -6.75
N PHE A 98 -3.20 -4.35 -6.84
CA PHE A 98 -2.68 -4.94 -8.07
C PHE A 98 -3.06 -6.41 -8.12
N GLY A 99 -2.94 -6.99 -9.30
CA GLY A 99 -3.26 -8.39 -9.49
C GLY A 99 -3.36 -8.76 -10.95
N CYS A 100 -3.64 -10.04 -11.18
CA CYS A 100 -3.71 -10.58 -12.54
C CYS A 100 -4.94 -11.47 -12.70
N ASP A 101 -5.50 -11.53 -13.89
CA ASP A 101 -6.66 -12.36 -14.20
C ASP A 101 -6.24 -13.44 -15.16
N LEU A 102 -6.76 -14.64 -15.04
CA LEU A 102 -6.41 -15.70 -15.99
C LEU A 102 -7.65 -16.09 -16.76
N GLY A 103 -7.48 -16.69 -17.91
CA GLY A 103 -8.63 -17.10 -18.70
C GLY A 103 -8.82 -18.60 -18.68
N ASP A 105 -7.18 -18.50 -21.64
CA ASP A 105 -6.77 -19.84 -22.05
C ASP A 105 -6.01 -20.52 -20.96
N GLY A 106 -5.52 -19.73 -20.02
CA GLY A 106 -4.69 -20.21 -18.92
C GLY A 106 -3.58 -19.21 -18.62
N ARG A 107 -3.44 -18.21 -19.50
CA ARG A 107 -2.46 -17.16 -19.33
C ARG A 107 -3.13 -15.84 -18.99
N LEU A 108 -2.32 -14.81 -18.91
CA LEU A 108 -2.77 -13.49 -18.57
C LEU A 108 -3.87 -12.90 -19.38
N LEU A 109 -5.04 -12.71 -18.80
CA LEU A 109 -6.10 -11.99 -19.49
C LEU A 109 -5.86 -10.49 -19.41
N ARG A 110 -5.61 -9.98 -18.21
CA ARG A 110 -5.34 -8.57 -18.01
C ARG A 110 -4.75 -8.36 -16.62
N GLY A 111 -3.96 -7.30 -16.48
CA GLY A 111 -3.33 -6.97 -15.21
C GLY A 111 -3.80 -5.64 -14.64
N TYR A 112 -3.59 -5.44 -13.34
CA TYR A 112 -4.02 -4.23 -12.66
C TYR A 112 -2.89 -3.71 -11.77
N ASP A 113 -2.89 -2.39 -11.58
CA ASP A 113 -1.91 -1.70 -10.73
C ASP A 113 -2.29 -0.23 -10.61
N GLN A 114 -2.90 0.16 -9.48
CA GLN A 114 -3.43 1.51 -9.33
C GLN A 114 -3.38 1.94 -7.87
N SER A 115 -3.47 3.25 -7.65
CA SER A 115 -3.30 3.83 -6.33
C SER A 115 -4.37 4.89 -6.07
N ALA A 116 -4.54 5.22 -4.79
CA ALA A 116 -5.51 6.22 -4.38
C ALA A 116 -5.00 6.95 -3.14
N TYR A 117 -5.36 8.23 -3.03
CA TYR A 117 -4.95 9.07 -1.91
C TYR A 117 -6.18 9.75 -1.34
N ASP A 118 -6.44 9.53 -0.05
CA ASP A 118 -7.59 10.10 0.66
C ASP A 118 -8.90 9.72 -0.03
N GLY A 119 -8.97 8.50 -0.56
CA GLY A 119 -10.19 7.97 -1.13
C GLY A 119 -10.44 8.29 -2.59
N LYS A 120 -9.54 9.01 -3.26
CA LYS A 120 -9.70 9.38 -4.65
C LYS A 120 -8.56 8.83 -5.49
N ASP A 121 -8.84 8.60 -6.78
CA ASP A 121 -7.83 8.11 -7.70
C ASP A 121 -6.61 9.02 -7.69
N TYR A 122 -5.43 8.41 -7.81
CA TYR A 122 -4.18 9.16 -7.91
C TYR A 122 -3.45 8.83 -9.21
N ILE A 123 -2.88 7.63 -9.33
CA ILE A 123 -2.21 7.21 -10.54
C ILE A 123 -2.49 5.73 -10.78
N ALA A 124 -2.52 5.33 -12.05
CA ALA A 124 -2.87 3.97 -12.41
C ALA A 124 -2.08 3.54 -13.64
N LEU A 125 -1.67 2.28 -13.65
CA LEU A 125 -1.05 1.70 -14.82
C LEU A 125 -2.11 1.36 -15.85
N ASN A 126 -1.84 1.71 -17.10
CA ASN A 126 -2.80 1.48 -18.18
C ASN A 126 -2.78 0.01 -18.59
N GLU A 127 -3.84 -0.39 -19.31
CA GLU A 127 -3.98 -1.79 -19.71
C GLU A 127 -2.86 -2.26 -20.62
N ASP A 128 -2.14 -1.32 -21.27
CA ASP A 128 -0.99 -1.71 -22.08
C ASP A 128 0.22 -2.08 -21.24
N LEU A 129 0.15 -1.90 -19.91
CA LEU A 129 1.25 -2.20 -19.00
C LEU A 129 2.55 -1.52 -19.43
N ARG A 130 2.43 -0.29 -19.93
CA ARG A 130 3.61 0.48 -20.30
C ARG A 130 3.42 2.00 -20.23
N SER A 131 2.23 2.49 -19.93
CA SER A 131 1.99 3.92 -19.79
C SER A 131 1.10 4.16 -18.57
N TRP A 132 1.10 5.40 -18.08
CA TRP A 132 0.41 5.75 -16.85
C TRP A 132 -0.71 6.75 -17.12
N THR A 133 -1.69 6.75 -16.21
CA THR A 133 -2.78 7.73 -16.22
C THR A 133 -2.76 8.47 -14.88
N ALA A 134 -2.38 9.74 -14.91
CA ALA A 134 -2.35 10.57 -13.71
C ALA A 134 -3.66 11.33 -13.58
N ALA A 135 -4.15 11.43 -12.34
CA ALA A 135 -5.46 12.02 -12.09
C ALA A 135 -5.44 13.53 -11.92
N ASP A 136 -4.33 14.11 -11.51
CA ASP A 136 -4.24 15.56 -11.34
C ASP A 136 -2.78 15.98 -11.50
N THR A 137 -2.53 17.28 -11.25
CA THR A 137 -1.19 17.83 -11.46
C THR A 137 -0.18 17.27 -10.47
N ALA A 138 -0.60 16.93 -9.25
CA ALA A 138 0.32 16.33 -8.30
C ALA A 138 0.80 14.98 -8.78
N ALA A 139 -0.13 14.14 -9.26
CA ALA A 139 0.25 12.83 -9.77
C ALA A 139 1.12 12.91 -11.01
N GLN A 140 1.13 14.05 -11.70
CA GLN A 140 2.01 14.21 -12.86
C GLN A 140 3.47 14.28 -12.44
N ILE A 141 3.76 14.78 -11.24
CA ILE A 141 5.12 14.70 -10.72
C ILE A 141 5.55 13.26 -10.53
N THR A 142 4.65 12.43 -10.00
CA THR A 142 4.95 11.02 -9.82
C THR A 142 5.17 10.32 -11.15
N GLN A 143 4.34 10.66 -12.16
CA GLN A 143 4.50 10.06 -13.48
C GLN A 143 5.86 10.39 -14.07
N ARG A 144 6.28 11.66 -13.98
CA ARG A 144 7.58 12.05 -14.52
C ARG A 144 8.71 11.30 -13.81
N LYS A 145 8.58 11.09 -12.51
CA LYS A 145 9.61 10.34 -11.78
C LYS A 145 9.64 8.88 -12.19
N TRP A 146 8.47 8.27 -12.38
CA TRP A 146 8.39 6.85 -12.71
C TRP A 146 8.79 6.59 -14.16
N GLU A 147 8.52 7.52 -15.07
CA GLU A 147 8.99 7.37 -16.44
C GLU A 147 10.50 7.43 -16.52
N ALA A 148 11.13 8.33 -15.75
CA ALA A 148 12.58 8.41 -15.72
C ALA A 148 13.22 7.20 -15.06
N ALA A 149 12.47 6.47 -14.23
CA ALA A 149 12.99 5.30 -13.54
C ALA A 149 12.71 4.00 -14.28
N ARG A 150 12.03 4.06 -15.43
CA ARG A 150 11.66 2.87 -16.19
C ARG A 150 10.85 1.90 -15.33
N GLU A 151 9.95 2.45 -14.52
CA GLU A 151 9.25 1.66 -13.52
C GLU A 151 8.16 0.79 -14.14
N ALA A 152 7.51 1.25 -15.22
CA ALA A 152 6.46 0.45 -15.86
C ALA A 152 7.01 -0.86 -16.39
N GLU A 153 8.29 -0.88 -16.78
CA GLU A 153 8.91 -2.12 -17.25
C GLU A 153 8.94 -3.17 -16.14
N GLN A 154 9.14 -2.74 -14.90
CA GLN A 154 9.26 -3.68 -13.80
C GLN A 154 7.89 -4.24 -13.39
N ARG A 155 6.86 -3.40 -13.38
CA ARG A 155 5.52 -3.88 -13.02
C ARG A 155 4.98 -4.84 -14.07
N ARG A 156 5.26 -4.57 -15.35
CA ARG A 156 4.80 -5.47 -16.40
C ARG A 156 5.48 -6.83 -16.30
N ALA A 157 6.76 -6.85 -15.94
CA ALA A 157 7.48 -8.12 -15.81
C ALA A 157 6.90 -8.97 -14.68
N TYR A 158 6.49 -8.33 -13.58
CA TYR A 158 5.87 -9.08 -12.50
C TYR A 158 4.49 -9.60 -12.90
N LEU A 159 3.67 -8.73 -13.52
CA LEU A 159 2.30 -9.10 -13.85
C LEU A 159 2.22 -10.18 -14.91
N GLU A 160 3.14 -10.18 -15.87
CA GLU A 160 3.09 -11.14 -16.97
C GLU A 160 3.81 -12.44 -16.65
N GLY A 161 4.74 -12.43 -15.70
CA GLY A 161 5.47 -13.63 -15.37
C GLY A 161 5.20 -14.13 -13.96
N THR A 162 5.66 -13.37 -12.97
CA THR A 162 5.60 -13.83 -11.58
C THR A 162 4.16 -14.02 -11.11
N CYS A 163 3.29 -13.04 -11.40
CA CYS A 163 1.89 -13.14 -10.96
C CYS A 163 1.23 -14.39 -11.53
N VAL A 164 1.51 -14.70 -12.80
CA VAL A 164 0.81 -15.80 -13.46
C VAL A 164 1.35 -17.15 -12.97
N GLU A 165 2.67 -17.26 -12.80
CA GLU A 165 3.26 -18.54 -12.41
C GLU A 165 2.76 -18.98 -11.03
N TRP A 166 2.80 -18.08 -10.06
CA TRP A 166 2.45 -18.46 -8.69
C TRP A 166 0.95 -18.65 -8.52
N LEU A 167 0.13 -17.92 -9.29
CA LEU A 167 -1.30 -18.17 -9.25
C LEU A 167 -1.62 -19.59 -9.72
N ARG A 168 -0.92 -20.06 -10.74
CA ARG A 168 -1.10 -21.43 -11.20
C ARG A 168 -0.64 -22.43 -10.15
N ARG A 169 0.44 -22.11 -9.43
CA ARG A 169 0.94 -23.01 -8.40
C ARG A 169 -0.03 -23.11 -7.23
N TYR A 170 -0.57 -21.97 -6.78
CA TYR A 170 -1.56 -22.00 -5.71
C TYR A 170 -2.80 -22.77 -6.12
N LEU A 171 -3.25 -22.58 -7.37
CA LEU A 171 -4.46 -23.26 -7.83
C LEU A 171 -4.29 -24.76 -7.87
N GLU A 172 -3.08 -25.25 -8.08
CA GLU A 172 -2.85 -26.69 -8.12
C GLU A 172 -2.75 -27.26 -6.70
N ASN A 173 -2.01 -26.59 -5.82
CA ASN A 173 -1.84 -27.10 -4.46
C ASN A 173 -3.13 -27.04 -3.66
N GLY A 174 -4.04 -26.13 -4.01
CA GLY A 174 -5.30 -26.03 -3.30
C GLY A 174 -6.50 -26.30 -4.18
N LYS A 175 -6.35 -27.18 -5.16
CA LYS A 175 -7.41 -27.45 -6.12
C LYS A 175 -8.59 -28.19 -5.53
N GLU A 176 -8.45 -28.79 -4.34
CA GLU A 176 -9.58 -29.48 -3.72
C GLU A 176 -10.57 -28.52 -3.09
N THR A 177 -10.16 -27.28 -2.82
CA THR A 177 -11.06 -26.25 -2.30
C THR A 177 -11.20 -25.06 -3.23
N LEU A 178 -10.15 -24.71 -4.00
CA LEU A 178 -10.23 -23.54 -4.87
C LEU A 178 -10.96 -23.85 -6.18
N GLN A 179 -10.94 -25.09 -6.63
CA GLN A 179 -11.56 -25.47 -7.90
C GLN A 179 -12.73 -26.43 -7.72
N ARG A 180 -13.27 -26.54 -6.50
CA ARG A 180 -14.46 -27.33 -6.23
C ARG A 180 -15.49 -26.43 -5.56
N ALA A 181 -16.53 -26.06 -6.30
CA ALA A 181 -17.54 -25.16 -5.77
C ALA A 181 -18.39 -25.85 -4.71
N GLU A 182 -18.93 -25.04 -3.80
CA GLU A 182 -19.78 -25.52 -2.72
C GLU A 182 -21.19 -24.98 -2.94
N HIS A 183 -22.15 -25.87 -3.12
CA HIS A 183 -23.49 -25.47 -3.51
C HIS A 183 -24.24 -24.84 -2.33
N PRO A 184 -25.17 -23.92 -2.61
CA PRO A 184 -25.92 -23.29 -1.52
C PRO A 184 -26.99 -24.22 -0.95
N LYS A 185 -27.27 -24.04 0.34
CA LYS A 185 -28.37 -24.71 1.01
C LYS A 185 -29.55 -23.74 1.07
N THR A 186 -30.69 -24.17 0.52
CA THR A 186 -31.80 -23.26 0.25
C THR A 186 -33.06 -23.70 0.99
N HIS A 187 -33.89 -22.72 1.32
CA HIS A 187 -35.21 -22.95 1.91
C HIS A 187 -36.00 -21.64 1.85
N VAL A 188 -37.33 -21.78 1.84
CA VAL A 188 -38.24 -20.64 1.75
C VAL A 188 -38.98 -20.50 3.07
N THR A 189 -39.16 -19.25 3.51
CA THR A 189 -39.85 -18.95 4.76
C THR A 189 -41.03 -18.03 4.50
N HIS A 190 -42.05 -18.15 5.36
CA HIS A 190 -43.30 -17.41 5.22
C HIS A 190 -43.47 -16.48 6.42
N HIS A 191 -43.69 -15.20 6.15
CA HIS A 191 -43.83 -14.18 7.20
C HIS A 191 -45.08 -13.36 6.93
N PRO A 192 -46.11 -13.45 7.78
CA PRO A 192 -47.38 -12.74 7.60
C PRO A 192 -47.27 -11.23 7.78
N GLU A 197 -52.05 -10.57 2.95
CA GLU A 197 -50.77 -10.24 2.34
C GLU A 197 -49.64 -10.76 3.20
N ALA A 198 -48.72 -11.51 2.60
CA ALA A 198 -47.64 -12.15 3.34
C ALA A 198 -46.32 -11.96 2.59
N THR A 199 -45.23 -12.36 3.24
CA THR A 199 -43.88 -12.20 2.72
C THR A 199 -43.24 -13.57 2.50
N LEU A 200 -42.67 -13.76 1.32
CA LEU A 200 -41.95 -14.98 0.97
C LEU A 200 -40.46 -14.67 0.86
N ARG A 201 -39.64 -15.39 1.61
CA ARG A 201 -38.20 -15.18 1.62
C ARG A 201 -37.49 -16.44 1.15
N CYS A 202 -36.60 -16.29 0.17
CA CYS A 202 -35.81 -17.37 -0.38
C CYS A 202 -34.37 -17.23 0.11
N TRP A 203 -33.86 -18.25 0.81
CA TRP A 203 -32.55 -18.20 1.42
C TRP A 203 -31.53 -19.01 0.61
N ALA A 204 -30.26 -18.63 0.76
CA ALA A 204 -29.15 -19.36 0.17
C ALA A 204 -27.95 -19.18 1.08
N LEU A 205 -27.47 -20.29 1.65
CA LEU A 205 -26.45 -20.23 2.70
C LEU A 205 -25.32 -21.21 2.41
N GLY A 206 -24.13 -20.86 2.90
CA GLY A 206 -23.00 -21.75 2.86
C GLY A 206 -22.43 -22.05 1.50
N PHE A 207 -22.53 -21.12 0.56
CA PHE A 207 -22.05 -21.37 -0.80
C PHE A 207 -20.73 -20.65 -1.07
N TYR A 208 -19.99 -21.19 -2.03
CA TYR A 208 -18.75 -20.63 -2.55
C TYR A 208 -18.62 -21.02 -4.02
N PRO A 209 -18.22 -20.09 -4.91
CA PRO A 209 -17.84 -18.70 -4.68
C PRO A 209 -19.02 -17.79 -4.40
N ALA A 210 -18.79 -16.48 -4.31
CA ALA A 210 -19.84 -15.54 -3.91
C ALA A 210 -20.81 -15.22 -5.03
N GLU A 211 -20.48 -15.54 -6.27
CA GLU A 211 -21.33 -15.21 -7.41
C GLU A 211 -22.58 -16.10 -7.39
N ILE A 212 -23.76 -15.46 -7.40
CA ILE A 212 -25.02 -16.19 -7.32
C ILE A 212 -26.13 -15.27 -7.83
N THR A 213 -27.23 -15.87 -8.26
CA THR A 213 -28.39 -15.14 -8.77
C THR A 213 -29.67 -15.71 -8.16
N LEU A 214 -30.50 -14.83 -7.61
CA LEU A 214 -31.76 -15.20 -6.98
C LEU A 214 -32.90 -14.44 -7.66
N THR A 215 -33.95 -15.17 -8.05
CA THR A 215 -35.06 -14.56 -8.77
C THR A 215 -36.37 -15.20 -8.36
N TRP A 216 -37.32 -14.36 -7.93
CA TRP A 216 -38.69 -14.79 -7.67
C TRP A 216 -39.50 -14.73 -8.95
N GLN A 217 -40.53 -15.58 -9.05
CA GLN A 217 -41.32 -15.66 -10.27
C GLN A 217 -42.80 -15.84 -9.93
N TRP A 218 -43.59 -15.98 -11.00
CA TRP A 218 -45.05 -16.11 -10.91
C TRP A 218 -45.58 -16.66 -12.23
N ASP A 219 -45.80 -17.98 -12.29
CA ASP A 219 -46.16 -18.67 -13.53
C ASP A 219 -45.15 -18.38 -14.63
N GLY A 220 -43.86 -18.39 -14.27
CA GLY A 220 -42.79 -18.19 -15.22
C GLY A 220 -42.49 -16.75 -15.57
N GLU A 221 -43.06 -15.78 -14.86
CA GLU A 221 -42.85 -14.36 -15.12
C GLU A 221 -41.98 -13.78 -14.02
N ASP A 222 -40.87 -13.16 -14.41
CA ASP A 222 -39.98 -12.53 -13.44
C ASP A 222 -40.71 -11.44 -12.66
N GLN A 223 -40.44 -11.38 -11.35
CA GLN A 223 -41.11 -10.47 -10.44
C GLN A 223 -40.18 -9.37 -9.93
N THR A 224 -39.26 -8.92 -10.80
CA THR A 224 -38.17 -8.03 -10.36
C THR A 224 -38.67 -6.77 -9.68
N GLN A 225 -39.88 -6.30 -10.02
CA GLN A 225 -40.32 -5.00 -9.55
C GLN A 225 -40.50 -4.94 -8.05
N ASP A 226 -41.01 -6.02 -7.45
CA ASP A 226 -41.29 -6.01 -6.01
C ASP A 226 -40.46 -7.03 -5.26
N THR A 227 -39.16 -7.09 -5.52
CA THR A 227 -38.26 -8.03 -4.87
C THR A 227 -37.26 -7.27 -3.99
N GLU A 228 -37.39 -7.43 -2.68
CA GLU A 228 -36.34 -7.02 -1.78
C GLU A 228 -35.15 -7.97 -1.89
N LEU A 229 -33.95 -7.43 -1.69
CA LEU A 229 -32.74 -8.20 -1.95
C LEU A 229 -31.58 -7.57 -1.21
N VAL A 230 -30.90 -8.35 -0.39
CA VAL A 230 -29.78 -7.84 0.42
C VAL A 230 -28.47 -8.11 -0.32
N GLU A 231 -27.44 -7.38 0.10
CA GLU A 231 -26.11 -7.59 -0.45
C GLU A 231 -25.52 -8.89 0.06
N THR A 232 -24.77 -9.57 -0.81
CA THR A 232 -24.10 -10.81 -0.43
C THR A 232 -23.14 -10.55 0.73
N ARG A 233 -23.19 -11.39 1.75
CA ARG A 233 -22.45 -11.17 2.98
C ARG A 233 -21.64 -12.39 3.35
N PRO A 234 -20.52 -12.20 4.05
CA PRO A 234 -19.69 -13.35 4.46
C PRO A 234 -20.25 -14.04 5.70
N ALA A 235 -20.22 -15.37 5.67
CA ALA A 235 -20.72 -16.16 6.79
C ALA A 235 -19.75 -16.20 7.95
N GLY A 236 -18.45 -16.03 7.69
CA GLY A 236 -17.43 -16.09 8.71
C GLY A 236 -16.54 -17.32 8.64
N ASP A 237 -16.91 -18.32 7.83
CA ASP A 237 -16.11 -19.54 7.70
C ASP A 237 -15.61 -19.76 6.27
N GLY A 238 -15.65 -18.73 5.42
CA GLY A 238 -15.25 -18.87 4.03
C GLY A 238 -16.40 -19.01 3.04
N THR A 239 -17.64 -19.05 3.52
CA THR A 239 -18.81 -19.17 2.66
C THR A 239 -19.63 -17.87 2.74
N PHE A 240 -20.71 -17.82 1.95
CA PHE A 240 -21.48 -16.61 1.78
C PHE A 240 -22.97 -16.89 1.92
N GLN A 241 -23.75 -15.81 2.11
CA GLN A 241 -25.19 -15.90 2.30
C GLN A 241 -25.87 -14.81 1.47
N LYS A 242 -27.13 -15.06 1.12
CA LYS A 242 -27.96 -14.07 0.44
C LYS A 242 -29.41 -14.52 0.50
N TRP A 243 -30.33 -13.55 0.46
CA TRP A 243 -31.74 -13.88 0.37
C TRP A 243 -32.45 -12.83 -0.47
N ALA A 244 -33.58 -13.24 -1.07
CA ALA A 244 -34.45 -12.38 -1.85
C ALA A 244 -35.88 -12.60 -1.38
N ALA A 245 -36.63 -11.52 -1.19
CA ALA A 245 -37.97 -11.59 -0.62
C ALA A 245 -38.99 -10.97 -1.58
N VAL A 246 -40.26 -11.23 -1.28
CA VAL A 246 -41.37 -10.71 -2.07
C VAL A 246 -42.61 -10.68 -1.18
N VAL A 247 -43.57 -9.85 -1.54
CA VAL A 247 -44.83 -9.74 -0.81
C VAL A 247 -45.96 -10.22 -1.71
N VAL A 248 -46.87 -11.01 -1.14
CA VAL A 248 -47.81 -11.77 -1.95
C VAL A 248 -49.20 -11.70 -1.34
N PRO A 249 -50.26 -11.64 -2.16
CA PRO A 249 -51.63 -11.74 -1.62
C PRO A 249 -51.83 -13.08 -0.92
N SER A 250 -52.24 -13.01 0.35
CA SER A 250 -52.40 -14.19 1.19
C SER A 250 -53.39 -15.17 0.57
N GLY A 251 -52.87 -16.27 0.01
CA GLY A 251 -53.70 -17.26 -0.65
C GLY A 251 -53.08 -17.75 -1.94
N GLU A 252 -52.30 -16.89 -2.60
CA GLU A 252 -51.63 -17.23 -3.85
C GLU A 252 -50.17 -17.64 -3.62
N GLU A 253 -49.82 -18.06 -2.41
CA GLU A 253 -48.42 -18.37 -2.10
C GLU A 253 -47.88 -19.47 -3.01
N GLN A 254 -48.73 -20.44 -3.37
CA GLN A 254 -48.29 -21.59 -4.14
C GLN A 254 -48.12 -21.29 -5.63
N ARG A 255 -48.32 -20.04 -6.05
CA ARG A 255 -48.13 -19.65 -7.44
C ARG A 255 -46.75 -19.08 -7.71
N TYR A 256 -45.92 -18.91 -6.69
CA TYR A 256 -44.63 -18.24 -6.82
C TYR A 256 -43.50 -19.24 -6.61
N THR A 257 -42.40 -19.00 -7.32
CA THR A 257 -41.25 -19.89 -7.32
C THR A 257 -39.96 -19.08 -7.25
N CYS A 258 -39.00 -19.59 -6.50
CA CYS A 258 -37.67 -19.00 -6.40
C CYS A 258 -36.68 -19.82 -7.23
N HIS A 259 -35.79 -19.13 -7.92
CA HIS A 259 -34.86 -19.76 -8.85
C HIS A 259 -33.43 -19.39 -8.49
N VAL A 260 -32.57 -20.40 -8.42
CA VAL A 260 -31.20 -20.24 -7.95
C VAL A 260 -30.25 -20.68 -9.06
N GLN A 261 -29.30 -19.82 -9.39
CA GLN A 261 -28.22 -20.13 -10.33
C GLN A 261 -26.90 -20.03 -9.59
N HIS A 262 -26.13 -21.12 -9.58
CA HIS A 262 -24.85 -21.10 -8.90
C HIS A 262 -23.93 -22.15 -9.52
N GLU A 263 -22.63 -21.89 -9.41
CA GLU A 263 -21.62 -22.76 -10.01
C GLU A 263 -21.67 -24.17 -9.44
N GLY A 264 -22.04 -24.32 -8.17
CA GLY A 264 -22.04 -25.60 -7.51
C GLY A 264 -23.27 -26.47 -7.72
N LEU A 265 -24.20 -26.05 -8.56
CA LEU A 265 -25.39 -26.84 -8.84
C LEU A 265 -25.30 -27.44 -10.24
N PRO A 266 -25.62 -28.73 -10.40
CA PRO A 266 -25.62 -29.32 -11.75
C PRO A 266 -26.50 -28.56 -12.72
N GLU A 267 -27.66 -28.12 -12.28
CA GLU A 267 -28.58 -27.32 -13.09
C GLU A 267 -29.39 -26.43 -12.16
N PRO A 268 -29.90 -25.30 -12.66
CA PRO A 268 -30.59 -24.35 -11.79
C PRO A 268 -31.73 -24.99 -11.00
N LEU A 269 -32.03 -24.39 -9.85
CA LEU A 269 -33.00 -24.92 -8.90
C LEU A 269 -34.30 -24.12 -8.94
N THR A 270 -35.36 -24.75 -8.47
CA THR A 270 -36.67 -24.10 -8.34
C THR A 270 -37.28 -24.51 -7.01
N LEU A 271 -37.83 -23.54 -6.29
CA LEU A 271 -38.34 -23.76 -4.93
C LEU A 271 -39.76 -23.26 -4.81
N ARG A 272 -40.48 -23.83 -3.84
CA ARG A 272 -41.77 -23.35 -3.40
C ARG A 272 -41.80 -23.33 -1.87
N TRP A 273 -42.75 -22.60 -1.32
CA TRP A 273 -42.92 -22.58 0.14
C TRP A 273 -43.57 -23.88 0.60
N MET B 1 -10.15 14.86 -0.58
CA MET B 1 -10.62 14.22 0.64
C MET B 1 -12.10 13.85 0.53
N ILE B 2 -12.38 12.56 0.55
CA ILE B 2 -13.74 12.04 0.43
C ILE B 2 -14.06 11.22 1.68
N GLN B 3 -15.36 11.07 1.95
CA GLN B 3 -15.82 10.32 3.11
C GLN B 3 -17.12 9.61 2.77
N ARG B 4 -17.26 8.38 3.24
CA ARG B 4 -18.41 7.54 2.90
C ARG B 4 -18.97 6.91 4.17
N THR B 5 -20.30 6.70 4.15
CA THR B 5 -21.05 6.18 5.29
C THR B 5 -21.04 4.65 5.29
N PRO B 6 -20.87 4.02 6.45
CA PRO B 6 -20.88 2.55 6.50
C PRO B 6 -22.28 1.97 6.32
N LYS B 7 -22.35 0.85 5.62
CA LYS B 7 -23.53 0.01 5.56
C LYS B 7 -23.38 -1.11 6.59
N ILE B 8 -24.51 -1.52 7.18
CA ILE B 8 -24.50 -2.43 8.32
C ILE B 8 -25.47 -3.58 8.07
N GLN B 9 -25.05 -4.78 8.45
CA GLN B 9 -25.90 -5.97 8.46
C GLN B 9 -25.57 -6.79 9.69
N VAL B 10 -26.61 -7.18 10.43
CA VAL B 10 -26.46 -7.98 11.65
C VAL B 10 -27.16 -9.31 11.43
N TYR B 11 -26.45 -10.40 11.67
CA TYR B 11 -26.96 -11.73 11.36
C TYR B 11 -26.09 -12.76 12.06
N SER B 12 -26.53 -14.02 11.99
CA SER B 12 -25.83 -15.14 12.59
C SER B 12 -25.28 -16.05 11.50
N ARG B 13 -24.19 -16.76 11.83
CA ARG B 13 -23.53 -17.62 10.85
C ARG B 13 -24.45 -18.73 10.39
N HIS B 14 -25.07 -19.44 11.33
CA HIS B 14 -26.03 -20.50 11.03
C HIS B 14 -27.43 -20.07 11.44
N PRO B 15 -28.47 -20.72 10.92
CA PRO B 15 -29.84 -20.35 11.32
C PRO B 15 -30.03 -20.46 12.82
N ALA B 16 -30.61 -19.42 13.41
CA ALA B 16 -30.72 -19.34 14.86
C ALA B 16 -31.70 -20.37 15.40
N GLU B 17 -31.40 -20.84 16.61
CA GLU B 17 -32.24 -21.83 17.28
C GLU B 17 -31.81 -21.82 18.74
N ASN B 18 -32.70 -21.34 19.62
CA ASN B 18 -32.31 -21.01 20.98
C ASN B 18 -31.79 -22.23 21.73
N GLY B 19 -30.77 -22.00 22.56
CA GLY B 19 -30.12 -23.06 23.29
C GLY B 19 -28.92 -23.66 22.59
N LYS B 20 -28.62 -23.24 21.37
CA LYS B 20 -27.54 -23.81 20.57
C LYS B 20 -26.47 -22.76 20.31
N SER B 21 -25.21 -23.19 20.30
CA SER B 21 -24.10 -22.28 20.10
C SER B 21 -24.03 -21.82 18.65
N ASN B 22 -23.73 -20.54 18.46
CA ASN B 22 -23.70 -19.94 17.14
C ASN B 22 -22.66 -18.82 17.12
N PHE B 23 -22.61 -18.07 16.03
CA PHE B 23 -21.74 -16.91 15.89
C PHE B 23 -22.59 -15.73 15.44
N LEU B 24 -22.42 -14.59 16.13
CA LEU B 24 -23.15 -13.37 15.80
C LEU B 24 -22.24 -12.41 15.06
N ASN B 25 -22.69 -11.96 13.88
CA ASN B 25 -21.86 -11.17 12.98
C ASN B 25 -22.40 -9.76 12.82
N CYS B 26 -21.49 -8.81 12.67
CA CYS B 26 -21.81 -7.45 12.25
C CYS B 26 -20.88 -7.08 11.10
N TYR B 27 -21.47 -6.80 9.93
CA TYR B 27 -20.72 -6.60 8.70
C TYR B 27 -20.87 -5.15 8.27
N VAL B 28 -19.76 -4.41 8.29
CA VAL B 28 -19.72 -3.00 7.88
C VAL B 28 -18.91 -2.89 6.60
N SER B 29 -19.45 -2.17 5.62
CA SER B 29 -18.78 -2.03 4.33
C SER B 29 -19.14 -0.68 3.73
N GLY B 30 -18.34 -0.28 2.73
CA GLY B 30 -18.61 0.92 1.98
C GLY B 30 -18.25 2.23 2.65
N PHE B 31 -17.39 2.20 3.66
CA PHE B 31 -17.05 3.39 4.43
C PHE B 31 -15.64 3.87 4.11
N HIS B 32 -15.37 5.12 4.48
CA HIS B 32 -14.10 5.81 4.30
C HIS B 32 -14.10 7.09 5.12
N PRO B 33 -13.05 7.35 5.92
CA PRO B 33 -11.81 6.57 6.09
C PRO B 33 -12.01 5.29 6.90
N SER B 34 -10.94 4.55 7.17
CA SER B 34 -11.05 3.24 7.80
C SER B 34 -11.14 3.30 9.32
N ASP B 35 -10.94 4.47 9.93
CA ASP B 35 -11.09 4.59 11.38
C ASP B 35 -12.56 4.40 11.74
N ILE B 36 -12.85 3.40 12.56
CA ILE B 36 -14.22 3.03 12.89
C ILE B 36 -14.20 2.27 14.20
N GLU B 37 -15.31 2.37 14.94
CA GLU B 37 -15.50 1.61 16.16
C GLU B 37 -16.84 0.87 16.09
N VAL B 38 -16.79 -0.45 16.28
CA VAL B 38 -17.96 -1.31 16.16
C VAL B 38 -18.07 -2.15 17.43
N ASP B 39 -19.27 -2.21 18.00
CA ASP B 39 -19.50 -2.92 19.25
C ASP B 39 -20.70 -3.84 19.12
N LEU B 40 -20.60 -5.02 19.75
CA LEU B 40 -21.69 -5.98 19.81
C LEU B 40 -22.31 -5.93 21.21
N LEU B 41 -23.62 -5.73 21.25
CA LEU B 41 -24.33 -5.49 22.50
C LEU B 41 -25.18 -6.69 22.89
N LYS B 42 -25.07 -7.10 24.15
CA LYS B 42 -25.89 -8.16 24.74
C LYS B 42 -26.82 -7.50 25.76
N ASN B 43 -28.09 -7.33 25.37
CA ASN B 43 -29.08 -6.62 26.19
C ASN B 43 -28.59 -5.22 26.54
N GLY B 44 -28.07 -4.52 25.52
CA GLY B 44 -27.63 -3.16 25.66
C GLY B 44 -26.26 -2.97 26.26
N GLU B 45 -25.53 -4.04 26.57
CA GLU B 45 -24.22 -3.94 27.20
C GLU B 45 -23.15 -4.58 26.32
N ARG B 46 -21.92 -4.13 26.52
CA ARG B 46 -20.82 -4.48 25.63
C ARG B 46 -20.31 -5.89 25.90
N ILE B 47 -20.05 -6.62 24.81
CA ILE B 47 -19.34 -7.90 24.86
C ILE B 47 -17.87 -7.62 24.59
N GLU B 48 -16.98 -8.35 25.27
CA GLU B 48 -15.57 -7.99 25.28
C GLU B 48 -14.65 -8.98 24.58
N LYS B 49 -15.14 -10.15 24.17
CA LYS B 49 -14.28 -11.07 23.46
C LYS B 49 -14.63 -11.11 21.98
N VAL B 50 -14.67 -9.94 21.34
CA VAL B 50 -15.07 -9.79 19.96
C VAL B 50 -13.84 -9.65 19.09
N GLU B 51 -13.80 -10.41 17.99
CA GLU B 51 -12.70 -10.36 17.02
C GLU B 51 -13.21 -9.77 15.72
N HIS B 52 -12.28 -9.50 14.80
CA HIS B 52 -12.64 -8.93 13.51
C HIS B 52 -11.62 -9.35 12.47
N SER B 53 -12.01 -9.19 11.21
CA SER B 53 -11.21 -9.63 10.08
C SER B 53 -10.13 -8.59 9.75
N ASP B 54 -9.33 -8.90 8.74
CA ASP B 54 -8.25 -8.02 8.31
C ASP B 54 -8.77 -7.00 7.31
N LEU B 55 -8.23 -5.78 7.39
CA LEU B 55 -8.73 -4.67 6.59
C LEU B 55 -8.52 -4.93 5.10
N SER B 56 -9.57 -4.64 4.32
CA SER B 56 -9.53 -4.76 2.87
C SER B 56 -10.49 -3.73 2.29
N PHE B 57 -10.51 -3.60 0.96
CA PHE B 57 -11.37 -2.61 0.33
C PHE B 57 -11.81 -3.11 -1.05
N SER B 58 -12.75 -2.39 -1.64
CA SER B 58 -13.44 -2.79 -2.86
C SER B 58 -13.00 -1.92 -4.04
N LYS B 59 -13.72 -2.07 -5.16
CA LYS B 59 -13.34 -1.42 -6.41
C LYS B 59 -13.37 0.10 -6.29
N ASP B 60 -14.28 0.65 -5.49
CA ASP B 60 -14.41 2.09 -5.34
C ASP B 60 -13.56 2.65 -4.19
N TRP B 61 -12.63 1.85 -3.66
CA TRP B 61 -11.68 2.15 -2.58
C TRP B 61 -12.32 2.15 -1.20
N SER B 62 -13.59 1.78 -1.04
CA SER B 62 -14.22 1.77 0.27
C SER B 62 -13.92 0.47 0.99
N PHE B 63 -13.82 0.56 2.32
CA PHE B 63 -13.35 -0.54 3.16
C PHE B 63 -14.52 -1.44 3.59
N TYR B 64 -14.16 -2.62 4.12
CA TYR B 64 -15.14 -3.53 4.69
C TYR B 64 -14.49 -4.38 5.79
N LEU B 65 -15.27 -4.67 6.82
CA LEU B 65 -14.80 -5.44 7.97
C LEU B 65 -15.95 -6.26 8.54
N LEU B 66 -15.61 -7.38 9.16
CA LEU B 66 -16.59 -8.26 9.80
C LEU B 66 -16.21 -8.45 11.27
N TYR B 67 -17.16 -8.19 12.16
CA TYR B 67 -16.99 -8.41 13.60
C TYR B 67 -17.85 -9.59 14.04
N TYR B 68 -17.28 -10.45 14.86
CA TYR B 68 -17.93 -11.72 15.19
C TYR B 68 -17.58 -12.15 16.61
N THR B 69 -18.42 -13.01 17.17
CA THR B 69 -18.23 -13.55 18.52
C THR B 69 -19.09 -14.78 18.70
N GLU B 70 -18.72 -15.59 19.68
CA GLU B 70 -19.53 -16.74 20.08
C GLU B 70 -20.68 -16.27 20.96
N PHE B 71 -21.85 -16.91 20.79
CA PHE B 71 -23.00 -16.55 21.61
C PHE B 71 -24.04 -17.66 21.53
N THR B 72 -24.98 -17.60 22.48
CA THR B 72 -26.08 -18.56 22.55
C THR B 72 -27.40 -17.80 22.54
N PRO B 73 -28.13 -17.88 21.45
CA PRO B 73 -29.38 -17.14 21.45
C PRO B 73 -30.42 -17.83 22.33
N THR B 74 -31.27 -17.06 22.99
CA THR B 74 -32.35 -17.56 23.84
C THR B 74 -33.56 -16.70 23.59
N GLU B 75 -34.50 -16.69 24.52
CA GLU B 75 -35.67 -15.86 24.31
C GLU B 75 -35.66 -14.69 25.26
N LYS B 76 -36.04 -13.55 24.72
CA LYS B 76 -36.03 -12.26 25.37
C LYS B 76 -34.62 -11.81 25.78
N ASP B 77 -33.64 -12.19 24.97
CA ASP B 77 -32.25 -11.81 25.10
C ASP B 77 -32.06 -11.16 23.76
N GLU B 78 -31.90 -9.84 23.76
CA GLU B 78 -31.80 -9.04 22.56
C GLU B 78 -30.35 -8.65 22.26
N TYR B 79 -30.05 -8.58 20.98
CA TYR B 79 -28.70 -8.27 20.51
C TYR B 79 -28.76 -7.16 19.47
N ALA B 80 -27.69 -6.36 19.40
CA ALA B 80 -27.62 -5.27 18.45
C ALA B 80 -26.15 -4.99 18.14
N CYS B 81 -25.95 -4.22 17.08
CA CYS B 81 -24.63 -3.73 16.70
C CYS B 81 -24.60 -2.22 16.81
N ARG B 82 -23.53 -1.69 17.40
CA ARG B 82 -23.36 -0.27 17.61
C ARG B 82 -22.08 0.19 16.94
N VAL B 83 -22.19 1.07 15.96
CA VAL B 83 -21.04 1.58 15.22
C VAL B 83 -21.00 3.09 15.33
N ASN B 84 -19.79 3.63 15.34
CA ASN B 84 -19.56 5.06 15.31
C ASN B 84 -18.52 5.38 14.25
N HIS B 85 -18.74 6.47 13.53
CA HIS B 85 -17.87 6.86 12.44
C HIS B 85 -17.89 8.37 12.33
N VAL B 86 -16.84 8.93 11.70
CA VAL B 86 -16.69 10.38 11.54
C VAL B 86 -17.86 10.90 10.72
N THR B 87 -18.49 10.02 9.92
CA THR B 87 -19.60 10.43 9.07
C THR B 87 -20.94 10.38 9.79
N LEU B 88 -21.00 9.91 11.02
CA LEU B 88 -22.26 9.78 11.75
C LEU B 88 -22.33 10.84 12.84
N SER B 89 -23.47 11.53 12.91
CA SER B 89 -23.65 12.56 13.93
C SER B 89 -23.67 11.94 15.33
N GLN B 90 -24.32 10.80 15.48
CA GLN B 90 -24.42 10.08 16.74
C GLN B 90 -24.28 8.60 16.44
N PRO B 91 -23.91 7.80 17.44
CA PRO B 91 -23.77 6.35 17.18
C PRO B 91 -25.07 5.73 16.74
N LYS B 92 -24.97 4.70 15.91
CA LYS B 92 -26.13 4.04 15.31
C LYS B 92 -26.17 2.60 15.79
N ILE B 93 -27.31 2.20 16.36
CA ILE B 93 -27.52 0.84 16.84
C ILE B 93 -28.46 0.14 15.87
N VAL B 94 -28.12 -1.11 15.52
CA VAL B 94 -28.92 -1.93 14.62
C VAL B 94 -29.17 -3.26 15.31
N LYS B 95 -30.43 -3.55 15.60
CA LYS B 95 -30.79 -4.74 16.35
C LYS B 95 -30.78 -5.99 15.47
N TRP B 96 -30.44 -7.12 16.07
CA TRP B 96 -30.43 -8.38 15.37
C TRP B 96 -31.85 -8.92 15.21
N ASP B 97 -32.21 -9.24 13.96
CA ASP B 97 -33.49 -9.85 13.63
C ASP B 97 -33.18 -11.22 13.03
N ARG B 98 -33.55 -12.29 13.73
CA ARG B 98 -33.20 -13.63 13.29
C ARG B 98 -34.00 -14.11 12.08
N ASP B 99 -34.89 -13.28 11.54
CA ASP B 99 -35.59 -13.59 10.30
C ASP B 99 -35.01 -12.83 9.11
N MET B 100 -33.86 -12.19 9.28
CA MET B 100 -33.29 -11.35 8.22
C MET B 100 -31.77 -11.48 8.17
N LEU C 1 2.37 -14.38 -4.14
CA LEU C 1 3.68 -13.75 -4.00
C LEU C 1 3.58 -12.23 -4.11
N TYR C 2 4.00 -11.54 -3.06
CA TYR C 2 3.89 -10.10 -2.97
C TYR C 2 4.92 -9.43 -3.89
N ASN C 3 4.74 -8.12 -4.09
CA ASN C 3 5.65 -7.31 -4.89
C ASN C 3 5.77 -5.95 -4.23
N THR C 4 6.97 -5.38 -4.27
CA THR C 4 7.25 -4.08 -3.67
C THR C 4 7.92 -3.18 -4.69
N VAL C 5 7.50 -1.92 -4.72
CA VAL C 5 7.84 -1.02 -5.84
C VAL C 5 8.39 0.31 -5.34
N ALA C 6 8.52 1.27 -6.26
CA ALA C 6 9.15 2.56 -6.00
C ALA C 6 8.20 3.48 -5.24
N THR C 7 8.77 4.57 -4.71
CA THR C 7 7.99 5.53 -3.95
C THR C 7 7.32 6.54 -4.87
N LEU C 8 6.20 7.07 -4.41
CA LEU C 8 5.43 8.04 -5.20
C LEU C 8 6.09 9.41 -5.17
N HIS D 1 31.39 26.52 23.04
CA HIS D 1 32.76 26.28 22.59
C HIS D 1 32.91 26.41 21.08
N ARG D 2 34.07 26.00 20.59
CA ARG D 2 34.39 26.08 19.17
C ARG D 2 33.58 25.08 18.38
N LYS D 3 33.51 25.31 17.04
CA LYS D 3 32.75 24.37 16.23
C LYS D 3 33.64 23.22 15.76
N PRO D 4 33.07 22.02 15.62
CA PRO D 4 33.85 20.89 15.12
C PRO D 4 33.85 20.87 13.59
N SER D 5 34.46 19.83 13.03
CA SER D 5 34.52 19.63 11.60
C SER D 5 33.75 18.36 11.23
N LEU D 6 33.38 18.25 9.97
CA LEU D 6 32.51 17.17 9.51
C LEU D 6 32.86 16.82 8.07
N LEU D 7 33.16 15.55 7.82
CA LEU D 7 33.42 15.06 6.47
C LEU D 7 32.78 13.68 6.31
N ALA D 8 32.74 13.21 5.07
CA ALA D 8 32.12 11.93 4.73
C ALA D 8 33.15 11.03 4.05
N HIS D 9 33.12 9.75 4.42
CA HIS D 9 34.02 8.75 3.86
C HIS D 9 33.20 7.67 3.16
N PRO D 10 33.45 7.39 1.87
CA PRO D 10 34.46 8.01 1.00
C PRO D 10 33.98 9.28 0.31
N GLY D 11 32.71 9.68 0.49
CA GLY D 11 32.23 10.88 -0.16
C GLY D 11 30.79 11.14 0.22
N ARG D 12 30.29 12.29 -0.24
CA ARG D 12 28.93 12.70 0.07
C ARG D 12 27.90 12.17 -0.92
N LEU D 13 28.33 11.64 -2.06
CA LEU D 13 27.42 11.01 -3.02
C LEU D 13 27.38 9.51 -2.71
N VAL D 14 26.25 9.04 -2.19
CA VAL D 14 26.10 7.66 -1.73
C VAL D 14 25.19 6.92 -2.70
N LYS D 15 25.68 5.81 -3.22
CA LYS D 15 24.86 4.96 -4.07
C LYS D 15 23.73 4.35 -3.24
N SER D 16 22.60 4.10 -3.92
CA SER D 16 21.44 3.53 -3.24
C SER D 16 21.80 2.20 -2.60
N GLU D 17 21.32 2.02 -1.36
CA GLU D 17 21.50 0.81 -0.54
C GLU D 17 22.94 0.57 -0.12
N GLU D 18 23.82 1.55 -0.25
CA GLU D 18 25.18 1.45 0.26
C GLU D 18 25.28 2.22 1.58
N THR D 19 26.51 2.31 2.12
CA THR D 19 26.73 2.90 3.43
C THR D 19 27.86 3.93 3.36
N VAL D 20 27.77 4.94 4.22
CA VAL D 20 28.74 6.02 4.30
C VAL D 20 28.97 6.35 5.76
N ILE D 21 30.17 6.86 6.07
CA ILE D 21 30.55 7.26 7.41
C ILE D 21 30.56 8.78 7.48
N LEU D 22 29.83 9.34 8.46
CA LEU D 22 29.85 10.77 8.76
C LEU D 22 30.70 10.94 10.01
N GLN D 23 31.85 11.62 9.87
CA GLN D 23 32.84 11.70 10.93
C GLN D 23 32.93 13.14 11.43
N CYS D 24 32.52 13.36 12.68
CA CYS D 24 32.75 14.62 13.37
C CYS D 24 34.02 14.51 14.20
N TRP D 25 34.81 15.59 14.23
CA TRP D 25 36.09 15.55 14.92
C TRP D 25 36.53 16.96 15.30
N SER D 26 37.40 17.03 16.29
CA SER D 26 37.94 18.29 16.78
C SER D 26 39.18 18.00 17.62
N ASP D 27 39.94 19.05 17.91
CA ASP D 27 41.03 18.94 18.88
C ASP D 27 40.53 19.10 20.30
N VAL D 28 39.35 19.71 20.50
CA VAL D 28 38.73 19.76 21.81
C VAL D 28 38.26 18.36 22.19
N ARG D 29 38.43 18.01 23.47
CA ARG D 29 38.11 16.66 23.94
C ARG D 29 36.65 16.61 24.42
N PHE D 30 35.75 16.65 23.44
CA PHE D 30 34.33 16.54 23.74
C PHE D 30 33.99 15.15 24.27
N GLU D 31 33.05 15.09 25.21
CA GLU D 31 32.60 13.80 25.72
C GLU D 31 31.61 13.13 24.77
N HIS D 32 30.77 13.92 24.10
CA HIS D 32 29.73 13.38 23.24
C HIS D 32 29.66 14.20 21.95
N PHE D 33 29.16 13.56 20.91
CA PHE D 33 28.92 14.20 19.62
C PHE D 33 27.47 13.99 19.21
N LEU D 34 26.87 15.03 18.63
CA LEU D 34 25.52 14.97 18.11
C LEU D 34 25.54 15.19 16.60
N LEU D 35 24.77 14.39 15.87
CA LEU D 35 24.60 14.53 14.43
C LEU D 35 23.15 14.83 14.13
N HIS D 36 22.90 15.95 13.44
CA HIS D 36 21.55 16.40 13.14
C HIS D 36 21.35 16.48 11.63
N ARG D 37 20.18 16.03 11.18
CA ARG D 37 19.82 16.06 9.77
C ARG D 37 18.60 16.96 9.59
N GLU D 38 18.68 17.85 8.60
CA GLU D 38 17.57 18.72 8.23
C GLU D 38 17.05 18.28 6.86
N GLY D 39 15.76 18.06 6.76
CA GLY D 39 15.17 17.68 5.48
C GLY D 39 13.78 17.10 5.69
N LYS D 40 13.46 16.13 4.81
CA LYS D 40 12.15 15.50 4.85
C LYS D 40 11.89 14.85 6.21
N PHE D 41 12.83 14.05 6.69
CA PHE D 41 12.71 13.33 7.96
C PHE D 41 13.87 13.75 8.85
N LYS D 42 13.61 14.67 9.78
CA LYS D 42 14.65 15.15 10.68
C LYS D 42 14.99 14.09 11.72
N ASP D 43 16.27 14.02 12.09
CA ASP D 43 16.73 13.08 13.11
C ASP D 43 17.93 13.65 13.83
N THR D 44 18.25 13.05 14.98
CA THR D 44 19.39 13.47 15.79
C THR D 44 20.01 12.23 16.41
N LEU D 45 21.31 12.04 16.17
CA LEU D 45 22.03 10.87 16.64
C LEU D 45 23.10 11.27 17.64
N HIS D 46 23.39 10.36 18.58
CA HIS D 46 24.36 10.60 19.62
C HIS D 46 25.38 9.47 19.67
N LEU D 47 26.65 9.83 19.88
CA LEU D 47 27.73 8.86 19.99
C LEU D 47 28.74 9.36 21.02
N ILE D 48 29.32 8.42 21.77
CA ILE D 48 30.35 8.76 22.74
C ILE D 48 31.63 9.14 22.00
N GLY D 49 32.43 10.00 22.62
CA GLY D 49 33.66 10.46 21.98
C GLY D 49 34.80 9.46 22.10
N GLU D 50 35.64 9.45 21.08
CA GLU D 50 36.85 8.63 21.03
C GLU D 50 38.06 9.56 20.91
N HIS D 51 39.08 9.30 21.72
CA HIS D 51 40.18 10.25 21.89
C HIS D 51 41.55 9.71 21.53
N HIS D 52 41.64 8.58 20.86
CA HIS D 52 42.95 8.02 20.57
C HIS D 52 43.52 8.62 19.29
N ASP D 53 44.86 8.70 19.25
CA ASP D 53 45.67 9.07 18.09
C ASP D 53 45.61 10.56 17.74
N GLY D 54 45.64 11.42 18.76
CA GLY D 54 45.85 12.83 18.52
C GLY D 54 44.64 13.61 18.06
N VAL D 55 43.43 13.05 18.16
CA VAL D 55 42.23 13.76 17.74
C VAL D 55 41.05 13.15 18.50
N SER D 56 39.98 13.92 18.62
CA SER D 56 38.75 13.48 19.28
C SER D 56 37.63 13.46 18.25
N LYS D 57 36.97 12.31 18.12
CA LYS D 57 36.08 12.10 16.98
C LYS D 57 34.95 11.15 17.37
N ALA D 58 34.07 10.89 16.39
CA ALA D 58 32.99 9.92 16.49
C ALA D 58 32.54 9.57 15.08
N ASN D 59 32.35 8.28 14.82
CA ASN D 59 32.09 7.77 13.48
C ASN D 59 30.63 7.32 13.38
N PHE D 60 29.82 8.10 12.67
CA PHE D 60 28.40 7.80 12.51
C PHE D 60 28.19 6.98 11.25
N SER D 61 27.54 5.82 11.40
CA SER D 61 27.27 4.93 10.28
C SER D 61 25.88 5.22 9.72
N ILE D 62 25.81 5.60 8.45
CA ILE D 62 24.56 5.95 7.79
C ILE D 62 24.36 4.98 6.64
N GLY D 63 23.44 4.04 6.80
CA GLY D 63 23.16 3.07 5.77
C GLY D 63 22.24 1.97 6.25
N PRO D 64 21.70 1.17 5.31
CA PRO D 64 21.82 1.28 3.85
C PRO D 64 21.05 2.47 3.31
N MET D 65 21.61 3.14 2.30
CA MET D 65 21.09 4.44 1.87
C MET D 65 19.67 4.33 1.33
N MET D 66 18.78 5.15 1.87
CA MET D 66 17.41 5.31 1.39
C MET D 66 17.12 6.79 1.24
N GLN D 67 15.91 7.12 0.77
CA GLN D 67 15.58 8.51 0.48
C GLN D 67 15.45 9.34 1.75
N ASP D 68 15.05 8.73 2.86
CA ASP D 68 14.84 9.47 4.11
C ASP D 68 16.15 9.82 4.81
N LEU D 69 17.29 9.32 4.34
CA LEU D 69 18.58 9.63 4.94
C LEU D 69 19.35 10.71 4.20
N ALA D 70 18.83 11.19 3.07
CA ALA D 70 19.48 12.25 2.32
C ALA D 70 19.04 13.61 2.85
N GLY D 71 19.98 14.54 2.92
CA GLY D 71 19.68 15.86 3.45
C GLY D 71 20.94 16.57 3.90
N THR D 72 20.73 17.65 4.64
CA THR D 72 21.82 18.51 5.11
C THR D 72 22.16 18.12 6.55
N TYR D 73 23.44 17.86 6.79
CA TYR D 73 23.91 17.40 8.10
C TYR D 73 24.78 18.45 8.77
N ARG D 74 24.67 18.50 10.10
CA ARG D 74 25.49 19.35 10.96
C ARG D 74 25.75 18.59 12.25
N CYS D 75 26.97 18.68 12.77
CA CYS D 75 27.32 17.98 14.00
C CYS D 75 27.78 18.96 15.08
N TYR D 76 27.64 18.51 16.34
CA TYR D 76 27.87 19.35 17.50
C TYR D 76 28.76 18.60 18.50
N GLY D 77 29.48 19.37 19.31
CA GLY D 77 30.25 18.84 20.42
C GLY D 77 29.61 19.23 21.74
N SER D 78 29.58 18.29 22.69
CA SER D 78 28.97 18.51 23.99
C SER D 78 30.06 18.57 25.05
N VAL D 79 30.09 19.67 25.80
CA VAL D 79 31.10 19.84 26.84
C VAL D 79 30.75 19.00 28.07
N THR D 80 29.48 18.80 28.34
CA THR D 80 29.05 17.98 29.48
C THR D 80 28.81 16.53 29.05
N TYR D 84 22.51 18.45 28.08
CA TYR D 84 23.72 18.76 27.31
C TYR D 84 24.09 20.25 27.37
N GLN D 85 25.20 20.57 26.72
CA GLN D 85 25.70 21.94 26.67
C GLN D 85 26.63 21.99 25.45
N LEU D 86 26.08 22.46 24.34
CA LEU D 86 26.69 22.24 23.02
C LEU D 86 27.41 23.48 22.50
N SER D 87 28.20 23.24 21.47
CA SER D 87 29.05 24.25 20.86
C SER D 87 28.39 24.82 19.61
N ALA D 88 29.13 25.64 18.88
CA ALA D 88 28.65 26.16 17.61
C ALA D 88 28.49 25.02 16.61
N PRO D 89 27.59 25.17 15.63
CA PRO D 89 27.39 24.09 14.66
C PRO D 89 28.52 24.04 13.64
N SER D 90 28.87 22.82 13.23
CA SER D 90 29.86 22.62 12.20
C SER D 90 29.33 23.14 10.85
N ASP D 91 30.22 23.21 9.88
CA ASP D 91 29.81 23.60 8.54
C ASP D 91 28.83 22.56 7.99
N PRO D 92 27.79 22.99 7.27
CA PRO D 92 26.82 22.03 6.75
C PRO D 92 27.41 21.16 5.66
N LEU D 93 26.86 19.95 5.53
CA LEU D 93 27.32 18.98 4.55
C LEU D 93 26.12 18.26 3.97
N ASP D 94 26.02 18.28 2.63
CA ASP D 94 24.87 17.70 1.93
C ASP D 94 25.19 16.26 1.52
N ILE D 95 24.42 15.31 2.06
CA ILE D 95 24.54 13.90 1.70
C ILE D 95 23.47 13.60 0.65
N VAL D 96 23.88 12.97 -0.45
CA VAL D 96 23.04 12.79 -1.62
C VAL D 96 22.95 11.31 -1.95
N ILE D 97 21.74 10.86 -2.28
CA ILE D 97 21.51 9.49 -2.76
C ILE D 97 21.44 9.53 -4.29
N THR D 98 22.11 8.58 -4.93
CA THR D 98 22.20 8.52 -6.38
C THR D 98 21.68 7.17 -6.88
N GLY D 99 21.56 7.07 -8.21
CA GLY D 99 21.19 5.83 -8.84
C GLY D 99 19.71 5.53 -8.89
N LEU D 100 18.86 6.54 -8.75
CA LEU D 100 17.41 6.31 -8.72
C LEU D 100 16.75 6.50 -10.07
N TYR D 101 17.41 7.15 -11.02
CA TYR D 101 16.85 7.36 -12.35
C TYR D 101 17.93 7.01 -13.38
N GLU D 102 17.54 7.06 -14.64
CA GLU D 102 18.44 6.69 -15.72
C GLU D 102 19.49 7.79 -15.95
N LYS D 103 20.64 7.39 -16.48
CA LYS D 103 21.77 8.30 -16.60
C LYS D 103 21.58 9.27 -17.75
N PRO D 104 22.07 10.50 -17.61
CA PRO D 104 22.06 11.45 -18.73
C PRO D 104 23.26 11.21 -19.64
N SER D 105 23.32 12.01 -20.71
CA SER D 105 24.45 11.99 -21.64
C SER D 105 25.35 13.17 -21.38
N LEU D 106 26.66 12.96 -21.56
CA LEU D 106 27.67 13.97 -21.29
C LEU D 106 28.61 14.06 -22.48
N SER D 107 28.70 15.25 -23.08
CA SER D 107 29.50 15.45 -24.28
C SER D 107 30.26 16.77 -24.16
N ALA D 108 31.24 16.95 -25.04
CA ALA D 108 32.09 18.13 -25.07
C ALA D 108 31.87 18.87 -26.38
N GLN D 109 31.45 20.12 -26.30
CA GLN D 109 31.08 20.87 -27.51
C GLN D 109 32.25 21.05 -28.47
N PRO D 110 33.46 21.45 -28.04
CA PRO D 110 34.55 21.59 -29.02
C PRO D 110 35.53 20.43 -29.01
N GLY D 111 35.14 19.29 -28.45
CA GLY D 111 35.98 18.11 -28.48
C GLY D 111 36.52 17.70 -27.12
N PRO D 112 36.66 16.39 -26.90
CA PRO D 112 37.22 15.92 -25.63
C PRO D 112 38.72 16.14 -25.52
N THR D 113 39.45 16.10 -26.63
CA THR D 113 40.88 16.40 -26.64
C THR D 113 41.08 17.77 -27.26
N VAL D 114 41.78 18.65 -26.53
CA VAL D 114 41.80 20.07 -26.83
C VAL D 114 43.23 20.59 -26.70
N LEU D 115 43.44 21.80 -27.23
CA LEU D 115 44.72 22.49 -27.13
C LEU D 115 44.70 23.45 -25.95
N ALA D 116 45.87 23.68 -25.36
CA ALA D 116 45.96 24.56 -24.22
C ALA D 116 45.56 25.98 -24.60
N GLY D 117 44.75 26.61 -23.74
CA GLY D 117 44.21 27.92 -23.99
C GLY D 117 42.87 27.94 -24.69
N GLU D 118 42.50 26.86 -25.36
CA GLU D 118 41.23 26.78 -26.06
C GLU D 118 40.06 26.66 -25.08
N SER D 119 38.94 27.25 -25.45
CA SER D 119 37.73 27.15 -24.64
C SER D 119 37.03 25.81 -24.89
N VAL D 120 36.42 25.28 -23.84
CA VAL D 120 35.77 23.97 -23.90
C VAL D 120 34.49 24.03 -23.08
N THR D 121 33.39 23.49 -23.65
CA THR D 121 32.09 23.50 -23.02
C THR D 121 31.54 22.09 -22.98
N LEU D 122 31.04 21.67 -21.82
CA LEU D 122 30.45 20.36 -21.62
C LEU D 122 28.93 20.46 -21.59
N SER D 123 28.27 19.42 -22.10
CA SER D 123 26.82 19.41 -22.22
C SER D 123 26.25 18.15 -21.58
N CYS D 124 25.07 18.29 -20.96
CA CYS D 124 24.42 17.21 -20.22
C CYS D 124 22.96 17.13 -20.64
N SER D 125 22.58 16.06 -21.33
CA SER D 125 21.25 15.96 -21.91
C SER D 125 20.58 14.64 -21.50
N SER D 126 19.24 14.64 -21.62
CA SER D 126 18.44 13.45 -21.35
C SER D 126 17.04 13.67 -21.93
N ARG D 127 16.32 12.57 -22.09
CA ARG D 127 14.92 12.62 -22.51
C ARG D 127 13.97 12.71 -21.33
N SER D 128 14.43 12.36 -20.13
CA SER D 128 13.62 12.55 -18.93
C SER D 128 13.58 14.02 -18.55
N SER D 129 12.47 14.43 -17.95
CA SER D 129 12.23 15.84 -17.65
C SER D 129 12.94 16.29 -16.39
N TYR D 130 14.26 16.09 -16.33
CA TYR D 130 15.03 16.57 -15.19
C TYR D 130 15.00 18.09 -15.14
N ASP D 131 14.97 18.63 -13.92
CA ASP D 131 14.89 20.07 -13.73
C ASP D 131 16.24 20.75 -13.60
N MET D 132 17.29 20.01 -13.24
CA MET D 132 18.62 20.58 -13.14
C MET D 132 19.65 19.46 -13.20
N TYR D 133 20.89 19.85 -13.52
CA TYR D 133 21.98 18.90 -13.73
C TYR D 133 23.17 19.26 -12.85
N HIS D 134 23.99 18.26 -12.54
CA HIS D 134 25.15 18.43 -11.68
C HIS D 134 26.39 17.86 -12.37
N LEU D 135 27.48 18.60 -12.33
CA LEU D 135 28.75 18.20 -12.91
C LEU D 135 29.77 17.96 -11.80
N SER D 136 30.62 16.95 -11.99
CA SER D 136 31.58 16.56 -10.96
C SER D 136 32.95 16.31 -11.59
N LEU D 137 33.99 16.82 -10.94
CA LEU D 137 35.36 16.54 -11.34
C LEU D 137 36.06 15.66 -10.30
N GLU D 143 31.86 20.86 -8.59
CA GLU D 143 30.50 20.47 -8.24
C GLU D 143 29.50 21.57 -8.59
N CYS D 144 29.22 21.74 -9.88
CA CYS D 144 28.36 22.80 -10.36
C CYS D 144 26.92 22.33 -10.48
N ARG D 145 26.00 23.29 -10.53
CA ARG D 145 24.57 23.04 -10.70
C ARG D 145 23.98 24.07 -11.65
N PHE D 146 23.33 23.58 -12.70
CA PHE D 146 22.66 24.43 -13.70
C PHE D 146 21.24 23.92 -13.92
N SER D 147 20.34 24.84 -14.23
CA SER D 147 18.95 24.48 -14.49
C SER D 147 18.78 24.03 -15.94
N ALA D 148 17.87 23.10 -16.17
CA ALA D 148 17.58 22.62 -17.51
C ALA D 148 16.75 23.66 -18.27
N THR D 155 14.53 16.58 -25.51
CA THR D 155 15.84 16.70 -24.89
C THR D 155 15.89 17.90 -23.95
N PHE D 156 16.15 17.63 -22.67
CA PHE D 156 16.43 18.66 -21.67
C PHE D 156 17.92 18.64 -21.38
N GLN D 157 18.58 19.79 -21.52
CA GLN D 157 20.02 19.80 -21.39
C GLN D 157 20.53 21.12 -20.85
N ALA D 158 21.66 21.05 -20.13
CA ALA D 158 22.35 22.21 -19.61
C ALA D 158 23.80 22.19 -20.10
N ASP D 159 24.34 23.39 -20.31
CA ASP D 159 25.69 23.56 -20.85
C ASP D 159 26.62 24.09 -19.77
N PHE D 160 27.81 23.51 -19.68
CA PHE D 160 28.81 23.90 -18.68
C PHE D 160 30.06 24.43 -19.35
N PRO D 161 30.34 25.73 -19.29
CA PRO D 161 31.57 26.25 -19.90
C PRO D 161 32.76 26.16 -18.94
N LEU D 162 33.88 25.61 -19.41
CA LEU D 162 35.05 25.39 -18.58
C LEU D 162 36.11 26.46 -18.73
N GLY D 163 35.94 27.39 -19.66
CA GLY D 163 36.91 28.42 -19.88
C GLY D 163 38.11 27.92 -20.67
N PRO D 164 39.18 28.70 -20.67
CA PRO D 164 40.42 28.29 -21.38
C PRO D 164 41.04 27.07 -20.73
N ALA D 165 41.37 26.08 -21.55
CA ALA D 165 41.82 24.79 -21.04
C ALA D 165 43.20 24.92 -20.40
N THR D 166 43.33 24.41 -19.18
CA THR D 166 44.60 24.38 -18.47
C THR D 166 44.97 22.98 -18.03
N HIS D 167 44.14 22.34 -17.19
CA HIS D 167 44.41 21.00 -16.69
C HIS D 167 43.13 20.18 -16.77
N GLY D 168 43.10 19.21 -17.69
CA GLY D 168 41.93 18.38 -17.86
C GLY D 168 41.81 17.29 -16.81
N GLY D 169 40.67 16.61 -16.84
CA GLY D 169 40.40 15.54 -15.90
C GLY D 169 39.26 14.65 -16.36
N THR D 170 38.54 14.08 -15.40
CA THR D 170 37.44 13.17 -15.67
C THR D 170 36.17 13.74 -15.05
N TYR D 171 35.08 13.73 -15.82
CA TYR D 171 33.84 14.39 -15.42
C TYR D 171 32.68 13.41 -15.44
N ARG D 172 31.67 13.70 -14.62
CA ARG D 172 30.46 12.89 -14.53
C ARG D 172 29.25 13.82 -14.37
N CYS D 173 28.07 13.28 -14.65
CA CYS D 173 26.87 14.08 -14.74
C CYS D 173 25.69 13.38 -14.05
N PHE D 174 24.84 14.17 -13.40
CA PHE D 174 23.66 13.67 -12.71
C PHE D 174 22.47 14.57 -12.98
N GLY D 175 21.27 14.00 -12.87
CA GLY D 175 20.04 14.77 -12.99
C GLY D 175 19.17 14.65 -11.76
N SER D 176 18.30 15.63 -11.53
CA SER D 176 17.47 15.63 -10.34
C SER D 176 16.19 16.42 -10.61
N PHE D 177 15.25 16.31 -9.68
CA PHE D 177 13.97 17.00 -9.74
C PHE D 177 13.90 18.06 -8.64
N ARG D 178 13.17 19.14 -8.94
CA ARG D 178 13.22 20.33 -8.09
C ARG D 178 12.73 20.06 -6.68
N ASP D 179 11.65 19.28 -6.55
CA ASP D 179 11.06 19.06 -5.24
C ASP D 179 11.86 18.12 -4.35
N SER D 180 12.86 17.42 -4.90
CA SER D 180 13.69 16.48 -4.13
C SER D 180 15.14 16.67 -4.54
N PRO D 181 15.79 17.73 -4.03
CA PRO D 181 17.12 18.09 -4.53
C PRO D 181 18.24 17.17 -4.08
N TYR D 182 18.01 16.26 -3.13
CA TYR D 182 19.03 15.35 -2.66
C TYR D 182 18.89 13.94 -3.22
N GLU D 183 18.07 13.76 -4.26
CA GLU D 183 17.85 12.46 -4.88
C GLU D 183 18.24 12.57 -6.35
N TRP D 184 19.31 11.89 -6.72
CA TRP D 184 19.93 12.06 -8.03
C TRP D 184 19.76 10.82 -8.89
N SER D 185 19.89 11.03 -10.20
CA SER D 185 19.82 9.93 -11.15
C SER D 185 21.11 9.10 -11.10
N ASN D 186 21.17 8.10 -11.98
CA ASN D 186 22.42 7.37 -12.15
C ASN D 186 23.48 8.27 -12.76
N SER D 187 24.74 7.87 -12.59
CA SER D 187 25.85 8.64 -13.12
C SER D 187 26.01 8.42 -14.61
N SER D 188 26.24 9.51 -15.34
CA SER D 188 26.57 9.40 -16.75
C SER D 188 27.92 8.68 -16.91
N ASP D 189 28.17 8.22 -18.13
CA ASP D 189 29.47 7.61 -18.40
C ASP D 189 30.57 8.65 -18.24
N PRO D 190 31.70 8.29 -17.65
CA PRO D 190 32.75 9.29 -17.41
C PRO D 190 33.35 9.80 -18.70
N LEU D 191 33.67 11.09 -18.73
CA LEU D 191 34.23 11.74 -19.91
C LEU D 191 35.60 12.30 -19.54
N LEU D 192 36.64 11.84 -20.22
CA LEU D 192 38.01 12.28 -19.98
C LEU D 192 38.36 13.37 -20.97
N VAL D 193 38.80 14.52 -20.45
CA VAL D 193 39.26 15.64 -21.26
C VAL D 193 40.77 15.75 -21.10
N SER D 194 41.46 15.94 -22.22
CA SER D 194 42.91 16.01 -22.25
C SER D 194 43.35 17.29 -22.96
N VAL D 195 44.19 18.08 -22.30
CA VAL D 195 44.82 19.25 -22.90
C VAL D 195 46.24 18.88 -23.27
N ILE D 196 46.64 19.24 -24.48
CA ILE D 196 47.97 18.89 -24.98
C ILE D 196 48.65 20.12 -25.59
#